data_3QAV
#
_entry.id   3QAV
#
_cell.length_a   90.747
_cell.length_b   58.775
_cell.length_c   55.457
_cell.angle_alpha   90.00
_cell.angle_beta   124.39
_cell.angle_gamma   90.00
#
_symmetry.space_group_name_H-M   'C 1 2 1'
#
loop_
_entity.id
_entity.type
_entity.pdbx_description
1 polymer 'Rho-class glutathione S-transferase'
2 water water
#
_entity_poly.entity_id   1
_entity_poly.type   'polypeptide(L)'
_entity_poly.pdbx_seq_one_letter_code
;MGSSHHHHHHSSGLVPRGSHMATTSKPFVYWGSGSPPCWKVLLVLQEKKIDYDEKIISFSKKEHKSEEILELNPRGQVPT
FTDGDVVVNESTAICMYLEEKYPKVPLFPSDTTIRAKVYQRMFETSNISTNVMEFVQYKMKNKDSIDQVLLKEKKDKAHV
ELGHWENYLKQTGGFVATKEFTMADVFFFPMVALIVRQGANLKDSYPNIFKYYNMMMDRPTIVKTMPPHWAESDSPGNLL
DLC
;
_entity_poly.pdbx_strand_id   A
#
# COMPACT_ATOMS: atom_id res chain seq x y z
N SER A 25 10.33 9.51 21.97
CA SER A 25 10.28 11.00 21.88
C SER A 25 9.84 11.45 20.50
N LYS A 26 10.54 10.96 19.48
CA LYS A 26 10.21 11.32 18.09
C LYS A 26 10.44 10.12 17.19
N PRO A 27 9.37 9.58 16.61
CA PRO A 27 9.49 8.42 15.72
C PRO A 27 10.53 8.64 14.63
N PHE A 28 11.19 7.58 14.23
CA PHE A 28 12.18 7.63 13.17
C PHE A 28 11.89 6.45 12.26
N VAL A 29 11.79 6.70 10.95
CA VAL A 29 11.48 5.63 10.02
C VAL A 29 12.42 5.49 8.83
N TYR A 30 12.97 4.29 8.68
CA TYR A 30 13.85 3.97 7.56
C TYR A 30 12.89 3.39 6.53
N TRP A 31 12.92 3.91 5.31
CA TRP A 31 12.02 3.42 4.28
C TRP A 31 12.56 3.66 2.87
N GLY A 32 11.93 3.00 1.90
CA GLY A 32 12.36 3.14 0.53
C GLY A 32 11.24 3.47 -0.43
N SER A 33 11.61 3.99 -1.60
CA SER A 33 10.64 4.38 -2.61
C SER A 33 9.97 3.20 -3.32
N GLY A 34 8.65 3.31 -3.49
CA GLY A 34 7.87 2.28 -4.17
C GLY A 34 7.30 1.16 -3.33
N SER A 35 7.78 1.04 -2.09
CA SER A 35 7.36 0.01 -1.14
C SER A 35 6.03 0.25 -0.44
N PRO A 36 4.98 -0.54 -0.78
CA PRO A 36 3.68 -0.35 -0.13
C PRO A 36 3.76 -0.44 1.40
N PRO A 37 4.58 -1.36 1.93
CA PRO A 37 4.64 -1.43 3.39
C PRO A 37 5.22 -0.13 4.00
N CYS A 38 6.10 0.54 3.26
CA CYS A 38 6.67 1.78 3.75
C CYS A 38 5.62 2.88 3.63
N TRP A 39 4.93 2.90 2.50
CA TRP A 39 3.90 3.90 2.23
C TRP A 39 2.85 3.88 3.32
N LYS A 40 2.44 2.67 3.72
CA LYS A 40 1.44 2.51 4.77
C LYS A 40 1.85 3.31 6.00
N VAL A 41 3.10 3.13 6.42
CA VAL A 41 3.63 3.80 7.59
C VAL A 41 3.65 5.33 7.44
N LEU A 42 4.09 5.83 6.29
CA LEU A 42 4.15 7.27 6.07
C LEU A 42 2.76 7.90 6.09
N LEU A 43 1.79 7.18 5.53
CA LEU A 43 0.42 7.66 5.48
C LEU A 43 -0.17 7.78 6.88
N VAL A 44 0.06 6.78 7.72
CA VAL A 44 -0.46 6.82 9.09
C VAL A 44 0.15 8.02 9.84
N LEU A 45 1.46 8.20 9.72
CA LEU A 45 2.14 9.30 10.37
C LEU A 45 1.61 10.66 9.90
N GLN A 46 1.47 10.81 8.58
CA GLN A 46 0.98 12.05 7.99
C GLN A 46 -0.47 12.31 8.39
N GLU A 47 -1.33 11.31 8.22
CA GLU A 47 -2.74 11.46 8.56
C GLU A 47 -2.94 11.86 10.02
N LYS A 48 -2.18 11.24 10.91
CA LYS A 48 -2.29 11.55 12.33
C LYS A 48 -1.47 12.78 12.71
N LYS A 49 -0.81 13.38 11.72
CA LYS A 49 0.00 14.57 11.91
C LYS A 49 1.18 14.43 12.87
N ILE A 50 1.68 13.20 13.04
CA ILE A 50 2.79 12.97 13.94
C ILE A 50 4.12 13.42 13.32
N ASP A 51 4.89 14.22 14.05
CA ASP A 51 6.16 14.69 13.55
C ASP A 51 7.17 13.54 13.67
N TYR A 52 7.92 13.29 12.61
CA TYR A 52 8.89 12.20 12.63
C TYR A 52 10.14 12.48 11.81
N ASP A 53 11.23 11.78 12.15
CA ASP A 53 12.49 11.89 11.43
C ASP A 53 12.47 10.72 10.47
N GLU A 54 13.32 10.77 9.45
CA GLU A 54 13.32 9.70 8.46
C GLU A 54 14.65 9.56 7.74
N LYS A 55 14.90 8.36 7.23
CA LYS A 55 16.09 8.06 6.46
C LYS A 55 15.61 7.33 5.21
N ILE A 56 15.65 8.02 4.07
CA ILE A 56 15.24 7.43 2.81
C ILE A 56 16.40 6.59 2.28
N ILE A 57 16.25 5.28 2.30
CA ILE A 57 17.32 4.40 1.84
C ILE A 57 17.24 4.13 0.34
N SER A 58 18.30 3.53 -0.21
CA SER A 58 18.34 3.21 -1.62
C SER A 58 18.28 1.72 -1.87
N PHE A 59 17.18 1.26 -2.46
CA PHE A 59 17.04 -0.15 -2.75
C PHE A 59 18.11 -0.59 -3.74
N SER A 60 18.24 0.14 -4.84
CA SER A 60 19.22 -0.22 -5.86
C SER A 60 20.65 -0.27 -5.32
N LYS A 61 20.90 0.43 -4.23
CA LYS A 61 22.23 0.44 -3.63
C LYS A 61 22.27 -0.46 -2.38
N LYS A 62 21.19 -1.21 -2.18
CA LYS A 62 21.08 -2.14 -1.06
C LYS A 62 21.32 -1.56 0.33
N GLU A 63 20.82 -0.35 0.58
CA GLU A 63 21.03 0.26 1.89
C GLU A 63 20.08 -0.31 2.94
N HIS A 64 19.09 -1.10 2.50
CA HIS A 64 18.17 -1.72 3.44
C HIS A 64 18.89 -2.91 4.07
N LYS A 65 20.03 -3.26 3.48
CA LYS A 65 20.86 -4.36 3.94
C LYS A 65 22.06 -3.87 4.73
N SER A 66 22.06 -2.60 5.11
CA SER A 66 23.17 -2.03 5.85
C SER A 66 23.21 -2.54 7.28
N GLU A 67 24.32 -2.32 7.96
CA GLU A 67 24.49 -2.77 9.34
C GLU A 67 23.63 -1.98 10.30
N GLU A 68 23.38 -0.72 9.98
CA GLU A 68 22.55 0.14 10.82
C GLU A 68 21.12 -0.41 10.81
N ILE A 69 20.70 -0.93 9.66
CA ILE A 69 19.37 -1.50 9.53
C ILE A 69 19.30 -2.83 10.27
N LEU A 70 20.25 -3.71 9.99
CA LEU A 70 20.30 -5.03 10.61
C LEU A 70 20.29 -4.96 12.13
N GLU A 71 20.97 -4.00 12.71
CA GLU A 71 20.98 -3.87 14.17
C GLU A 71 19.55 -3.79 14.68
N LEU A 72 18.73 -3.02 13.98
CA LEU A 72 17.32 -2.82 14.34
C LEU A 72 16.41 -3.89 13.77
N ASN A 73 16.75 -4.41 12.59
CA ASN A 73 15.92 -5.41 11.92
C ASN A 73 16.78 -6.49 11.30
N PRO A 74 16.92 -7.63 11.99
CA PRO A 74 17.74 -8.75 11.49
C PRO A 74 17.30 -9.33 10.14
N ARG A 75 16.14 -8.90 9.63
CA ARG A 75 15.70 -9.40 8.33
C ARG A 75 16.22 -8.49 7.23
N GLY A 76 16.84 -7.38 7.61
CA GLY A 76 17.37 -6.46 6.63
C GLY A 76 16.27 -6.02 5.66
N GLN A 77 15.17 -5.54 6.22
CA GLN A 77 14.06 -5.07 5.41
C GLN A 77 13.64 -3.70 5.85
N VAL A 78 12.81 -3.08 5.02
CA VAL A 78 12.28 -1.77 5.31
C VAL A 78 10.76 -1.95 5.13
N PRO A 79 9.95 -1.21 5.89
CA PRO A 79 10.32 -0.21 6.90
C PRO A 79 10.85 -0.77 8.23
N THR A 80 11.74 0.01 8.82
CA THR A 80 12.29 -0.31 10.14
C THR A 80 11.91 0.98 10.86
N PHE A 81 11.36 0.84 12.06
CA PHE A 81 10.87 2.00 12.78
C PHE A 81 11.25 2.00 14.25
N THR A 82 11.57 3.19 14.78
CA THR A 82 11.88 3.35 16.19
C THR A 82 11.10 4.56 16.71
N ASP A 83 10.84 4.54 18.02
CA ASP A 83 10.12 5.62 18.68
C ASP A 83 10.59 5.60 20.12
N GLY A 84 11.65 6.34 20.40
CA GLY A 84 12.19 6.35 21.74
C GLY A 84 12.94 5.04 21.88
N ASP A 85 12.53 4.20 22.81
CA ASP A 85 13.17 2.92 23.03
C ASP A 85 12.42 1.83 22.28
N VAL A 86 11.20 2.13 21.88
CA VAL A 86 10.38 1.18 21.15
C VAL A 86 10.98 0.97 19.76
N VAL A 87 11.00 -0.28 19.32
CA VAL A 87 11.51 -0.63 18.00
C VAL A 87 10.49 -1.58 17.41
N VAL A 88 9.99 -1.28 16.21
CA VAL A 88 9.00 -2.13 15.56
C VAL A 88 9.26 -2.19 14.06
N ASN A 89 9.15 -3.38 13.46
CA ASN A 89 9.43 -3.49 12.04
C ASN A 89 8.28 -3.86 11.10
N GLU A 90 7.49 -4.87 11.43
CA GLU A 90 6.39 -5.21 10.53
C GLU A 90 5.50 -4.00 10.29
N SER A 91 5.32 -3.66 9.01
CA SER A 91 4.49 -2.53 8.61
C SER A 91 3.15 -2.45 9.33
N THR A 92 2.43 -3.58 9.40
CA THR A 92 1.14 -3.60 10.06
C THR A 92 1.29 -3.34 11.55
N ALA A 93 2.34 -3.91 12.15
CA ALA A 93 2.57 -3.71 13.57
C ALA A 93 2.88 -2.25 13.86
N ILE A 94 3.64 -1.61 12.96
CA ILE A 94 3.99 -0.21 13.14
C ILE A 94 2.70 0.63 13.14
N CYS A 95 1.84 0.37 12.16
CA CYS A 95 0.58 1.09 12.03
C CYS A 95 -0.29 0.90 13.27
N MET A 96 -0.37 -0.32 13.78
CA MET A 96 -1.18 -0.59 14.96
C MET A 96 -0.60 0.12 16.18
N TYR A 97 0.73 0.13 16.30
CA TYR A 97 1.40 0.81 17.42
C TYR A 97 1.12 2.30 17.40
N LEU A 98 1.19 2.90 16.21
CA LEU A 98 0.97 4.33 16.05
C LEU A 98 -0.47 4.72 16.40
N GLU A 99 -1.42 3.89 16.01
CA GLU A 99 -2.84 4.14 16.29
C GLU A 99 -3.08 4.07 17.79
N GLU A 100 -2.38 3.17 18.46
CA GLU A 100 -2.52 3.00 19.91
C GLU A 100 -1.73 4.02 20.73
N LYS A 101 -0.54 4.39 20.27
CA LYS A 101 0.30 5.33 20.97
C LYS A 101 -0.13 6.79 20.76
N TYR A 102 -0.67 7.11 19.59
CA TYR A 102 -1.11 8.47 19.31
C TYR A 102 -2.58 8.43 18.90
N PRO A 103 -3.47 8.39 19.89
CA PRO A 103 -4.92 8.33 19.67
C PRO A 103 -5.61 9.64 19.28
N LYS A 104 -4.85 10.73 19.25
CA LYS A 104 -5.41 12.04 18.92
C LYS A 104 -6.28 12.05 17.66
N VAL A 105 -5.74 11.52 16.57
CA VAL A 105 -6.46 11.45 15.30
C VAL A 105 -6.67 9.98 14.94
N PRO A 106 -7.77 9.38 15.43
CA PRO A 106 -8.09 7.97 15.17
C PRO A 106 -8.36 7.56 13.72
N LEU A 107 -7.72 6.49 13.29
CA LEU A 107 -7.90 5.97 11.94
C LEU A 107 -8.91 4.83 11.99
N PHE A 108 -9.52 4.66 13.16
CA PHE A 108 -10.56 3.64 13.36
C PHE A 108 -11.75 4.34 14.03
N PRO A 109 -12.99 3.97 13.66
CA PRO A 109 -14.15 4.61 14.29
C PRO A 109 -14.25 4.00 15.69
N SER A 110 -15.21 4.44 16.50
CA SER A 110 -15.32 3.90 17.86
C SER A 110 -16.20 2.66 17.98
N ASP A 111 -17.23 2.57 17.15
CA ASP A 111 -18.12 1.42 17.21
C ASP A 111 -17.39 0.14 16.82
N THR A 112 -17.35 -0.79 17.78
CA THR A 112 -16.69 -2.08 17.63
C THR A 112 -17.15 -2.84 16.39
N THR A 113 -18.44 -2.76 16.09
CA THR A 113 -18.97 -3.44 14.92
C THR A 113 -18.40 -2.84 13.64
N ILE A 114 -18.34 -1.51 13.57
CA ILE A 114 -17.81 -0.85 12.40
C ILE A 114 -16.29 -1.08 12.30
N ARG A 115 -15.61 -1.09 13.45
CA ARG A 115 -14.17 -1.33 13.47
C ARG A 115 -13.86 -2.69 12.89
N ALA A 116 -14.74 -3.65 13.14
CA ALA A 116 -14.57 -5.00 12.64
C ALA A 116 -14.49 -4.98 11.11
N LYS A 117 -15.31 -4.14 10.48
CA LYS A 117 -15.29 -4.05 9.03
C LYS A 117 -14.01 -3.38 8.53
N VAL A 118 -13.47 -2.43 9.29
CA VAL A 118 -12.22 -1.77 8.91
C VAL A 118 -11.10 -2.82 8.94
N TYR A 119 -11.03 -3.58 10.03
CA TYR A 119 -10.04 -4.65 10.16
C TYR A 119 -10.23 -5.64 9.01
N GLN A 120 -11.46 -6.00 8.71
CA GLN A 120 -11.71 -6.93 7.61
C GLN A 120 -11.08 -6.43 6.31
N ARG A 121 -11.38 -5.18 5.93
CA ARG A 121 -10.83 -4.62 4.70
C ARG A 121 -9.30 -4.54 4.72
N MET A 122 -8.73 -4.08 5.84
CA MET A 122 -7.27 -3.99 5.98
C MET A 122 -6.55 -5.27 5.59
N PHE A 123 -6.85 -6.35 6.32
CA PHE A 123 -6.21 -7.64 6.10
C PHE A 123 -6.58 -8.35 4.81
N GLU A 124 -7.75 -8.04 4.27
CA GLU A 124 -8.17 -8.65 3.01
C GLU A 124 -7.33 -8.11 1.85
N THR A 125 -6.74 -6.91 2.03
CA THR A 125 -5.93 -6.31 0.98
C THR A 125 -4.74 -7.18 0.55
N SER A 126 -4.38 -8.15 1.39
CA SER A 126 -3.26 -9.03 1.06
C SER A 126 -3.56 -9.86 -0.18
N ASN A 127 -4.83 -10.13 -0.43
CA ASN A 127 -5.25 -10.90 -1.61
C ASN A 127 -4.92 -10.17 -2.91
N ILE A 128 -4.77 -8.85 -2.82
CA ILE A 128 -4.46 -8.06 -4.00
C ILE A 128 -3.04 -8.39 -4.44
N SER A 129 -2.13 -8.47 -3.47
CA SER A 129 -0.75 -8.80 -3.75
C SER A 129 -0.68 -10.15 -4.45
N THR A 130 -1.33 -11.14 -3.85
CA THR A 130 -1.32 -12.49 -4.40
C THR A 130 -2.05 -12.67 -5.73
N ASN A 131 -3.29 -12.19 -5.81
CA ASN A 131 -4.07 -12.36 -7.03
C ASN A 131 -3.81 -11.37 -8.15
N VAL A 132 -3.38 -10.15 -7.81
CA VAL A 132 -3.12 -9.18 -8.85
C VAL A 132 -1.64 -9.03 -9.20
N MET A 133 -0.78 -8.83 -8.21
CA MET A 133 0.64 -8.66 -8.49
C MET A 133 1.32 -9.90 -9.08
N GLU A 134 0.66 -11.06 -8.97
CA GLU A 134 1.22 -12.28 -9.52
C GLU A 134 1.22 -12.22 -11.05
N PHE A 135 0.31 -11.42 -11.59
CA PHE A 135 0.20 -11.24 -13.04
C PHE A 135 1.42 -10.44 -13.49
N VAL A 136 1.91 -9.58 -12.60
CA VAL A 136 3.08 -8.76 -12.89
C VAL A 136 4.32 -9.59 -12.57
N GLN A 137 4.19 -10.47 -11.57
CA GLN A 137 5.29 -11.33 -11.16
C GLN A 137 5.64 -12.28 -12.29
N TYR A 138 4.63 -13.01 -12.78
CA TYR A 138 4.82 -13.98 -13.85
C TYR A 138 5.35 -13.36 -15.14
N LYS A 139 4.84 -12.18 -15.49
CA LYS A 139 5.29 -11.50 -16.70
C LYS A 139 6.70 -10.96 -16.51
N MET A 140 7.50 -11.65 -15.71
CA MET A 140 8.87 -11.24 -15.45
C MET A 140 9.77 -12.42 -15.08
N LYS A 141 9.39 -13.15 -14.04
CA LYS A 141 10.17 -14.30 -13.57
C LYS A 141 10.38 -15.36 -14.65
N ASN A 142 9.80 -15.13 -15.83
CA ASN A 142 9.93 -16.05 -16.96
C ASN A 142 9.19 -15.51 -18.19
N LYS A 143 9.37 -14.22 -18.45
CA LYS A 143 8.75 -13.58 -19.60
C LYS A 143 9.29 -14.19 -20.89
N ASP A 144 8.77 -13.75 -22.03
CA ASP A 144 9.21 -14.27 -23.33
C ASP A 144 9.06 -15.78 -23.36
N SER A 145 8.28 -16.31 -22.42
CA SER A 145 8.03 -17.75 -22.35
C SER A 145 6.52 -17.97 -22.34
N ILE A 146 5.90 -17.81 -23.50
CA ILE A 146 4.46 -17.97 -23.66
C ILE A 146 3.91 -19.14 -22.85
N ASP A 147 2.65 -18.98 -22.43
CA ASP A 147 1.94 -19.99 -21.66
C ASP A 147 0.56 -19.39 -21.42
N GLN A 148 0.03 -18.77 -22.48
CA GLN A 148 -1.27 -18.12 -22.44
C GLN A 148 -2.40 -19.07 -22.04
N VAL A 149 -2.11 -20.37 -21.98
CA VAL A 149 -3.11 -21.36 -21.58
C VAL A 149 -3.34 -21.21 -20.08
N LEU A 150 -2.26 -20.91 -19.36
CA LEU A 150 -2.32 -20.71 -17.93
C LEU A 150 -2.45 -19.22 -17.66
N LEU A 151 -1.70 -18.43 -18.44
CA LEU A 151 -1.72 -16.99 -18.31
C LEU A 151 -3.16 -16.48 -18.26
N LYS A 152 -4.07 -17.19 -18.91
CA LYS A 152 -5.46 -16.81 -18.92
C LYS A 152 -6.00 -16.83 -17.51
N GLU A 153 -5.60 -17.85 -16.75
CA GLU A 153 -6.03 -18.00 -15.36
C GLU A 153 -5.65 -16.78 -14.55
N LYS A 154 -4.35 -16.47 -14.55
CA LYS A 154 -3.83 -15.35 -13.79
C LYS A 154 -4.52 -14.04 -14.11
N LYS A 155 -4.52 -13.65 -15.38
CA LYS A 155 -5.18 -12.41 -15.76
C LYS A 155 -6.62 -12.39 -15.26
N ASP A 156 -7.31 -13.51 -15.48
CA ASP A 156 -8.70 -13.67 -15.05
C ASP A 156 -8.85 -13.57 -13.54
N LYS A 157 -7.88 -14.12 -12.82
CA LYS A 157 -7.93 -14.08 -11.36
C LYS A 157 -7.73 -12.66 -10.85
N ALA A 158 -6.95 -11.87 -11.57
CA ALA A 158 -6.70 -10.49 -11.20
C ALA A 158 -7.99 -9.71 -11.32
N HIS A 159 -8.75 -10.01 -12.38
CA HIS A 159 -10.02 -9.34 -12.61
C HIS A 159 -11.04 -9.70 -11.54
N VAL A 160 -11.01 -10.95 -11.08
CA VAL A 160 -11.94 -11.39 -10.03
C VAL A 160 -11.65 -10.64 -8.73
N GLU A 161 -10.38 -10.60 -8.34
CA GLU A 161 -9.98 -9.91 -7.13
C GLU A 161 -10.43 -8.45 -7.15
N LEU A 162 -10.11 -7.74 -8.23
CA LEU A 162 -10.48 -6.33 -8.36
C LEU A 162 -11.99 -6.14 -8.27
N GLY A 163 -12.74 -7.13 -8.73
CA GLY A 163 -14.19 -7.04 -8.70
C GLY A 163 -14.70 -6.84 -7.29
N HIS A 164 -14.09 -7.54 -6.33
CA HIS A 164 -14.48 -7.44 -4.93
C HIS A 164 -14.38 -6.01 -4.45
N TRP A 165 -13.23 -5.40 -4.67
CA TRP A 165 -13.00 -4.03 -4.24
C TRP A 165 -13.88 -3.04 -4.99
N GLU A 166 -14.15 -3.33 -6.27
CA GLU A 166 -15.03 -2.46 -7.07
C GLU A 166 -16.38 -2.44 -6.34
N ASN A 167 -16.86 -3.62 -5.97
CA ASN A 167 -18.12 -3.75 -5.26
C ASN A 167 -18.11 -3.01 -3.92
N TYR A 168 -17.06 -3.23 -3.14
CA TYR A 168 -16.94 -2.59 -1.84
C TYR A 168 -17.08 -1.07 -2.00
N LEU A 169 -16.28 -0.50 -2.89
CA LEU A 169 -16.32 0.94 -3.13
C LEU A 169 -17.70 1.37 -3.65
N LYS A 170 -18.31 0.51 -4.46
CA LYS A 170 -19.63 0.81 -4.98
C LYS A 170 -20.57 0.93 -3.79
N GLN A 171 -20.52 -0.06 -2.91
CA GLN A 171 -21.37 -0.10 -1.71
C GLN A 171 -21.19 1.09 -0.75
N THR A 172 -19.95 1.51 -0.51
CA THR A 172 -19.71 2.63 0.40
C THR A 172 -19.98 3.98 -0.26
N GLY A 173 -19.65 4.09 -1.53
CA GLY A 173 -19.83 5.34 -2.22
C GLY A 173 -18.73 6.32 -1.84
N GLY A 174 -17.80 5.87 -1.00
CA GLY A 174 -16.72 6.74 -0.56
C GLY A 174 -15.36 6.08 -0.43
N PHE A 175 -15.04 5.58 0.76
CA PHE A 175 -13.75 4.93 0.99
C PHE A 175 -13.89 3.41 0.94
N VAL A 176 -12.79 2.69 1.16
CA VAL A 176 -12.83 1.23 1.03
C VAL A 176 -13.59 0.40 2.08
N ALA A 177 -13.78 0.96 3.28
CA ALA A 177 -14.49 0.22 4.33
C ALA A 177 -15.71 0.96 4.87
N THR A 178 -15.65 2.28 4.88
CA THR A 178 -16.74 3.10 5.37
C THR A 178 -16.81 4.37 4.54
N LYS A 179 -17.68 5.29 4.92
CA LYS A 179 -17.80 6.56 4.20
C LYS A 179 -16.75 7.56 4.70
N GLU A 180 -15.83 7.09 5.53
CA GLU A 180 -14.77 7.91 6.07
C GLU A 180 -13.42 7.25 5.83
N PHE A 181 -12.36 8.05 5.76
CA PHE A 181 -11.01 7.55 5.57
C PHE A 181 -10.66 6.79 6.86
N THR A 182 -10.06 5.60 6.72
CA THR A 182 -9.69 4.80 7.89
C THR A 182 -8.42 4.01 7.61
N MET A 183 -7.96 3.24 8.59
CA MET A 183 -6.74 2.45 8.43
C MET A 183 -6.84 1.56 7.19
N ALA A 184 -8.06 1.13 6.84
CA ALA A 184 -8.25 0.27 5.68
C ALA A 184 -7.76 0.92 4.39
N ASP A 185 -7.97 2.23 4.26
CA ASP A 185 -7.53 2.95 3.07
C ASP A 185 -6.01 3.07 3.03
N VAL A 186 -5.39 3.06 4.20
CA VAL A 186 -3.94 3.14 4.31
C VAL A 186 -3.35 1.88 3.68
N PHE A 187 -4.02 0.76 3.89
CA PHE A 187 -3.54 -0.52 3.37
C PHE A 187 -3.92 -0.68 1.90
N PHE A 188 -5.13 -0.26 1.57
CA PHE A 188 -5.64 -0.43 0.21
C PHE A 188 -5.05 0.44 -0.88
N PHE A 189 -5.14 1.76 -0.70
CA PHE A 189 -4.66 2.70 -1.70
C PHE A 189 -3.27 2.45 -2.28
N PRO A 190 -2.25 2.27 -1.43
CA PRO A 190 -0.91 2.02 -1.99
C PRO A 190 -0.93 0.91 -3.03
N MET A 191 -1.73 -0.11 -2.79
CA MET A 191 -1.83 -1.22 -3.73
C MET A 191 -2.48 -0.77 -5.02
N VAL A 192 -3.47 0.10 -4.91
CA VAL A 192 -4.13 0.61 -6.12
C VAL A 192 -3.19 1.55 -6.89
N ALA A 193 -2.47 2.42 -6.16
CA ALA A 193 -1.53 3.35 -6.79
C ALA A 193 -0.46 2.57 -7.57
N LEU A 194 -0.04 1.46 -6.98
CA LEU A 194 0.98 0.60 -7.59
C LEU A 194 0.40 0.02 -8.88
N ILE A 195 -0.87 -0.42 -8.82
CA ILE A 195 -1.55 -0.98 -9.98
C ILE A 195 -1.56 0.04 -11.12
N VAL A 196 -2.00 1.26 -10.80
CA VAL A 196 -2.05 2.32 -11.80
C VAL A 196 -0.64 2.60 -12.30
N ARG A 197 0.33 2.59 -11.40
CA ARG A 197 1.73 2.84 -11.78
C ARG A 197 2.15 1.87 -12.87
N GLN A 198 1.73 0.62 -12.76
CA GLN A 198 2.08 -0.39 -13.75
C GLN A 198 1.32 -0.20 -15.04
N GLY A 199 0.54 0.88 -15.11
CA GLY A 199 -0.20 1.19 -16.33
C GLY A 199 -1.62 0.67 -16.50
N ALA A 200 -2.27 0.27 -15.42
CA ALA A 200 -3.64 -0.23 -15.54
C ALA A 200 -4.57 0.93 -15.90
N ASN A 201 -5.52 0.66 -16.79
CA ASN A 201 -6.49 1.65 -17.24
C ASN A 201 -7.81 1.23 -16.61
N LEU A 202 -8.09 1.79 -15.44
CA LEU A 202 -9.28 1.48 -14.66
C LEU A 202 -10.51 2.31 -14.96
N LYS A 203 -10.31 3.43 -15.65
CA LYS A 203 -11.43 4.33 -15.95
C LYS A 203 -12.76 3.70 -16.30
N ASP A 204 -12.79 2.84 -17.31
CA ASP A 204 -14.05 2.24 -17.71
C ASP A 204 -14.34 0.83 -17.19
N SER A 205 -13.30 0.04 -16.97
CA SER A 205 -13.49 -1.31 -16.46
C SER A 205 -13.83 -1.35 -14.96
N TYR A 206 -13.21 -0.47 -14.19
CA TYR A 206 -13.43 -0.39 -12.75
C TYR A 206 -13.61 1.07 -12.35
N PRO A 207 -14.72 1.67 -12.77
CA PRO A 207 -15.04 3.07 -12.48
C PRO A 207 -14.98 3.53 -11.01
N ASN A 208 -15.43 2.68 -10.09
CA ASN A 208 -15.42 3.08 -8.67
C ASN A 208 -14.01 3.10 -8.08
N ILE A 209 -13.19 2.15 -8.51
CA ILE A 209 -11.82 2.11 -8.02
C ILE A 209 -11.10 3.32 -8.59
N PHE A 210 -11.34 3.60 -9.87
CA PHE A 210 -10.72 4.74 -10.54
C PHE A 210 -11.11 6.04 -9.84
N LYS A 211 -12.39 6.18 -9.52
CA LYS A 211 -12.91 7.35 -8.84
C LYS A 211 -12.26 7.45 -7.46
N TYR A 212 -12.09 6.30 -6.82
CA TYR A 212 -11.46 6.22 -5.49
C TYR A 212 -10.02 6.68 -5.63
N TYR A 213 -9.34 6.15 -6.65
CA TYR A 213 -7.95 6.50 -6.89
C TYR A 213 -7.77 8.00 -7.10
N ASN A 214 -8.62 8.58 -7.95
CA ASN A 214 -8.54 10.01 -8.22
C ASN A 214 -8.76 10.84 -6.97
N MET A 215 -9.78 10.49 -6.19
CA MET A 215 -10.05 11.23 -4.95
C MET A 215 -8.84 11.18 -4.03
N MET A 216 -8.34 9.96 -3.80
CA MET A 216 -7.20 9.75 -2.93
C MET A 216 -5.94 10.44 -3.42
N MET A 217 -5.72 10.45 -4.73
CA MET A 217 -4.55 11.10 -5.32
C MET A 217 -4.56 12.61 -5.11
N ASP A 218 -5.72 13.15 -4.75
CA ASP A 218 -5.84 14.58 -4.50
C ASP A 218 -5.75 14.88 -3.00
N ARG A 219 -5.73 13.84 -2.18
CA ARG A 219 -5.63 14.00 -0.74
C ARG A 219 -4.19 14.45 -0.42
N PRO A 220 -4.05 15.61 0.25
CA PRO A 220 -2.72 16.15 0.60
C PRO A 220 -1.69 15.18 1.19
N THR A 221 -2.11 14.30 2.09
CA THR A 221 -1.19 13.35 2.71
C THR A 221 -0.64 12.34 1.70
N ILE A 222 -1.45 11.99 0.71
CA ILE A 222 -1.03 11.04 -0.32
C ILE A 222 -0.06 11.77 -1.26
N VAL A 223 -0.39 13.01 -1.60
CA VAL A 223 0.47 13.81 -2.47
C VAL A 223 1.86 13.88 -1.86
N LYS A 224 1.90 14.10 -0.55
CA LYS A 224 3.15 14.20 0.19
C LYS A 224 3.94 12.89 0.27
N THR A 225 3.26 11.76 0.13
CA THR A 225 3.97 10.50 0.23
C THR A 225 4.09 9.68 -1.04
N MET A 226 3.90 10.30 -2.20
CA MET A 226 4.06 9.56 -3.45
C MET A 226 5.51 9.07 -3.48
N PRO A 227 5.74 7.85 -4.00
CA PRO A 227 7.09 7.29 -4.08
C PRO A 227 8.01 8.25 -4.83
N PRO A 228 9.03 8.79 -4.15
CA PRO A 228 9.94 9.74 -4.80
C PRO A 228 10.54 9.39 -6.16
N HIS A 229 10.85 8.12 -6.41
CA HIS A 229 11.48 7.76 -7.67
C HIS A 229 10.57 7.64 -8.89
N TRP A 230 9.26 7.67 -8.68
CA TRP A 230 8.31 7.56 -9.79
C TRP A 230 8.28 8.76 -10.73
N ALA A 231 8.46 9.95 -10.18
CA ALA A 231 8.41 11.16 -10.98
C ALA A 231 9.34 11.15 -12.19
N GLU A 232 10.60 10.74 -11.99
CA GLU A 232 11.60 10.73 -13.05
C GLU A 232 11.90 9.35 -13.64
N SER A 233 11.07 8.36 -13.33
CA SER A 233 11.31 7.02 -13.85
C SER A 233 10.09 6.59 -14.63
N ASP A 234 10.31 5.78 -15.67
CA ASP A 234 9.21 5.32 -16.51
C ASP A 234 8.43 4.17 -15.88
N SER A 235 7.11 4.25 -16.05
CA SER A 235 6.21 3.23 -15.54
C SER A 235 6.60 1.89 -16.17
N PRO A 236 6.84 0.87 -15.35
CA PRO A 236 7.21 -0.47 -15.85
C PRO A 236 6.22 -0.98 -16.89
N GLY A 237 4.98 -0.47 -16.81
CA GLY A 237 3.93 -0.86 -17.75
C GLY A 237 3.54 -2.33 -17.81
N ASN A 238 3.65 -3.05 -16.71
CA ASN A 238 3.29 -4.46 -16.69
C ASN A 238 1.80 -4.75 -16.60
N LEU A 239 0.99 -3.70 -16.45
CA LEU A 239 -0.46 -3.87 -16.37
C LEU A 239 -1.17 -3.06 -17.45
N LEU A 240 -0.41 -2.62 -18.45
CA LEU A 240 -0.95 -1.85 -19.56
C LEU A 240 -1.99 -2.66 -20.33
N ASP A 241 -1.86 -3.98 -20.28
CA ASP A 241 -2.78 -4.88 -20.99
C ASP A 241 -3.86 -5.48 -20.08
N LEU A 242 -3.79 -5.18 -18.79
CA LEU A 242 -4.76 -5.73 -17.85
C LEU A 242 -6.18 -5.32 -18.22
N CYS A 243 -6.40 -4.01 -18.26
CA CYS A 243 -7.70 -3.42 -18.56
C CYS A 243 -8.67 -3.69 -17.43
#